data_6CKH
#
_entry.id   6CKH
#
_cell.length_a   63.734
_cell.length_b   46.469
_cell.length_c   62.363
_cell.angle_alpha   90.00
_cell.angle_beta   103.05
_cell.angle_gamma   90.00
#
_symmetry.space_group_name_H-M   'C 1 2 1'
#
loop_
_entity.id
_entity.type
_entity.pdbx_description
1 polymer 'Peptidoglycan-recognition protein'
2 water water
#
_entity_poly.entity_id   1
_entity_poly.type   'polypeptide(L)'
_entity_poly.pdbx_seq_one_letter_code
;HCNVVSKDDWDGITSVHIEYLTRPIKLVIIQHTDTPGCDTDDACAARVRSIQDYHLDTLNYWDIGSSFLIGGNGKVYEGS
GWLHVGVPNYAYNRKAIKITFIGSYNSKEPNSQQLNAIKALLKCGVDNGHLSSDYKVVGHRQLLDTDSPGRKLYNIIRRW
PEWTNDVSEYKDLEHHHHHH
;
_entity_poly.pdbx_strand_id   A
#
# COMPACT_ATOMS: atom_id res chain seq x y z
N CYS A 2 -6.92 -14.30 1.03
CA CYS A 2 -6.23 -13.48 2.02
C CYS A 2 -7.25 -12.86 2.98
N ASN A 3 -6.78 -12.49 4.18
CA ASN A 3 -7.66 -12.12 5.29
C ASN A 3 -8.19 -10.69 5.16
N VAL A 4 -8.35 -10.23 3.92
CA VAL A 4 -8.59 -8.82 3.66
C VAL A 4 -10.04 -8.45 3.96
N VAL A 5 -10.23 -7.24 4.48
CA VAL A 5 -11.56 -6.64 4.60
C VAL A 5 -11.90 -6.03 3.24
N SER A 6 -12.92 -6.59 2.58
CA SER A 6 -13.29 -6.16 1.24
C SER A 6 -13.87 -4.75 1.26
N LYS A 7 -13.85 -4.10 0.09
CA LYS A 7 -14.44 -2.76 -0.05
C LYS A 7 -15.87 -2.73 0.45
N ASP A 8 -16.65 -3.77 0.15
CA ASP A 8 -18.04 -3.79 0.58
C ASP A 8 -18.16 -3.91 2.09
N ASP A 9 -17.18 -4.52 2.76
CA ASP A 9 -17.21 -4.62 4.21
C ASP A 9 -16.72 -3.37 4.91
N TRP A 10 -16.07 -2.45 4.20
CA TRP A 10 -15.87 -1.10 4.74
C TRP A 10 -16.70 -0.06 4.01
N ASP A 11 -17.70 -0.51 3.23
CA ASP A 11 -18.65 0.37 2.56
C ASP A 11 -17.96 1.37 1.64
N GLY A 12 -16.96 0.88 0.91
CA GLY A 12 -16.26 1.70 -0.05
C GLY A 12 -16.94 1.72 -1.40
N ILE A 13 -16.40 2.53 -2.29
CA ILE A 13 -16.90 2.64 -3.65
C ILE A 13 -16.17 1.60 -4.50
N THR A 14 -16.92 0.62 -5.01
CA THR A 14 -16.33 -0.44 -5.82
C THR A 14 -16.33 -0.12 -7.30
N SER A 15 -17.21 0.78 -7.76
CA SER A 15 -17.31 1.13 -9.17
C SER A 15 -16.29 2.22 -9.48
N VAL A 16 -15.10 1.81 -9.90
CA VAL A 16 -14.03 2.72 -10.24
C VAL A 16 -13.56 2.40 -11.66
N HIS A 17 -12.95 3.40 -12.30
CA HIS A 17 -12.29 3.16 -13.58
C HIS A 17 -11.15 2.16 -13.37
N ILE A 18 -11.05 1.20 -14.26
CA ILE A 18 -10.14 0.07 -14.10
C ILE A 18 -8.93 0.26 -15.00
N GLU A 19 -7.75 0.23 -14.41
CA GLU A 19 -6.51 0.03 -15.14
C GLU A 19 -5.73 -1.06 -14.42
N TYR A 20 -4.87 -1.76 -15.16
CA TYR A 20 -4.35 -3.05 -14.73
C TYR A 20 -2.88 -2.98 -14.36
N LEU A 21 -2.53 -3.68 -13.29
CA LEU A 21 -1.13 -3.89 -12.94
C LEU A 21 -0.53 -4.96 -13.86
N THR A 22 0.75 -4.80 -14.17
CA THR A 22 1.45 -5.76 -15.00
C THR A 22 1.90 -6.95 -14.15
N ARG A 23 1.37 -8.13 -14.47
CA ARG A 23 1.64 -9.31 -13.66
C ARG A 23 2.73 -10.18 -14.27
N PRO A 24 3.53 -10.86 -13.42
CA PRO A 24 3.43 -10.81 -11.95
C PRO A 24 4.11 -9.58 -11.37
N ILE A 25 3.70 -9.17 -10.18
CA ILE A 25 4.22 -7.96 -9.56
C ILE A 25 5.54 -8.28 -8.86
N LYS A 26 6.57 -7.50 -9.16
CA LYS A 26 7.89 -7.69 -8.57
C LYS A 26 8.29 -6.55 -7.63
N LEU A 27 7.38 -5.63 -7.32
CA LEU A 27 7.70 -4.48 -6.50
C LEU A 27 6.56 -4.18 -5.53
N VAL A 28 6.92 -3.94 -4.27
CA VAL A 28 5.99 -3.54 -3.23
C VAL A 28 6.48 -2.23 -2.64
N ILE A 29 5.59 -1.25 -2.53
CA ILE A 29 5.91 0.08 -2.02
C ILE A 29 5.18 0.25 -0.70
N ILE A 30 5.95 0.45 0.37
CA ILE A 30 5.42 0.66 1.71
C ILE A 30 5.16 2.15 1.90
N GLN A 31 3.99 2.48 2.44
CA GLN A 31 3.60 3.84 2.72
C GLN A 31 3.04 3.94 4.14
N HIS A 32 2.82 5.17 4.58
CA HIS A 32 1.91 5.44 5.67
C HIS A 32 0.95 6.55 5.22
N THR A 33 -0.22 6.60 5.86
CA THR A 33 -1.23 7.58 5.46
C THR A 33 -0.91 8.98 5.97
N ASP A 34 -0.02 9.09 6.95
CA ASP A 34 0.27 10.37 7.61
C ASP A 34 -1.03 11.01 8.12
N THR A 35 -1.82 10.19 8.82
CA THR A 35 -3.08 10.59 9.44
C THR A 35 -3.07 10.05 10.87
N PRO A 36 -4.03 10.44 11.72
CA PRO A 36 -4.17 9.73 13.01
C PRO A 36 -4.39 8.24 12.78
N GLY A 37 -3.98 7.45 13.76
CA GLY A 37 -4.20 6.01 13.70
C GLY A 37 -5.66 5.66 13.93
N CYS A 38 -5.92 4.35 13.92
CA CYS A 38 -7.26 3.86 14.21
C CYS A 38 -7.16 2.54 14.97
N ASP A 39 -7.98 2.41 16.01
CA ASP A 39 -7.89 1.30 16.95
C ASP A 39 -8.98 0.26 16.79
N THR A 40 -10.02 0.55 16.01
CA THR A 40 -11.18 -0.33 15.91
C THR A 40 -11.55 -0.54 14.45
N ASP A 41 -12.35 -1.59 14.22
CA ASP A 41 -12.84 -1.87 12.87
C ASP A 41 -13.61 -0.67 12.31
N ASP A 42 -14.43 -0.04 13.15
CA ASP A 42 -15.27 1.06 12.67
C ASP A 42 -14.45 2.31 12.37
N ALA A 43 -13.50 2.65 13.26
CA ALA A 43 -12.67 3.83 13.03
C ALA A 43 -11.78 3.64 11.80
N CYS A 44 -11.17 2.46 11.66
CA CYS A 44 -10.35 2.19 10.49
C CYS A 44 -11.18 2.21 9.21
N ALA A 45 -12.38 1.64 9.24
CA ALA A 45 -13.27 1.70 8.09
C ALA A 45 -13.57 3.15 7.72
N ALA A 46 -13.90 3.98 8.72
CA ALA A 46 -14.21 5.37 8.44
C ALA A 46 -13.01 6.12 7.86
N ARG A 47 -11.80 5.83 8.37
CA ARG A 47 -10.62 6.49 7.82
C ARG A 47 -10.36 6.07 6.38
N VAL A 48 -10.48 4.77 6.09
CA VAL A 48 -10.29 4.30 4.72
C VAL A 48 -11.31 4.96 3.78
N ARG A 49 -12.56 5.08 4.23
CA ARG A 49 -13.56 5.79 3.43
C ARG A 49 -13.16 7.24 3.20
N SER A 50 -12.71 7.93 4.26
CA SER A 50 -12.29 9.32 4.10
C SER A 50 -11.18 9.46 3.07
N ILE A 51 -10.22 8.53 3.09
CA ILE A 51 -9.09 8.61 2.17
C ILE A 51 -9.56 8.34 0.74
N GLN A 52 -10.41 7.33 0.54
CA GLN A 52 -10.88 7.05 -0.81
C GLN A 52 -11.70 8.21 -1.36
N ASP A 53 -12.61 8.75 -0.54
CA ASP A 53 -13.35 9.95 -0.94
C ASP A 53 -12.42 11.07 -1.35
N TYR A 54 -11.37 11.30 -0.56
CA TYR A 54 -10.45 12.39 -0.86
C TYR A 54 -9.71 12.16 -2.17
N HIS A 55 -9.22 10.93 -2.38
CA HIS A 55 -8.48 10.62 -3.60
C HIS A 55 -9.39 10.70 -4.83
N LEU A 56 -10.64 10.27 -4.71
CA LEU A 56 -11.54 10.28 -5.86
C LEU A 56 -12.02 11.69 -6.20
N ASP A 57 -12.46 12.42 -5.18
CA ASP A 57 -13.20 13.66 -5.42
C ASP A 57 -12.32 14.91 -5.45
N THR A 58 -11.18 14.91 -4.76
CA THR A 58 -10.30 16.07 -4.76
C THR A 58 -9.06 15.86 -5.63
N LEU A 59 -8.41 14.70 -5.56
CA LEU A 59 -7.23 14.43 -6.36
C LEU A 59 -7.55 13.77 -7.70
N ASN A 60 -8.77 13.30 -7.90
CA ASN A 60 -9.20 12.71 -9.17
C ASN A 60 -8.39 11.48 -9.54
N TYR A 61 -8.02 10.69 -8.53
CA TYR A 61 -7.48 9.37 -8.82
C TYR A 61 -8.58 8.45 -9.34
N TRP A 62 -8.18 7.33 -9.93
CA TRP A 62 -9.16 6.32 -10.32
C TRP A 62 -9.73 5.60 -9.10
N ASP A 63 -8.92 5.48 -8.05
CA ASP A 63 -9.30 4.77 -6.84
C ASP A 63 -8.36 5.21 -5.74
N ILE A 64 -8.60 4.71 -4.52
CA ILE A 64 -7.72 5.02 -3.41
C ILE A 64 -6.29 4.66 -3.77
N GLY A 65 -5.34 5.48 -3.31
CA GLY A 65 -3.98 5.43 -3.79
C GLY A 65 -3.10 4.36 -3.20
N SER A 66 -3.69 3.36 -2.57
CA SER A 66 -2.95 2.22 -2.04
C SER A 66 -3.67 0.94 -2.42
N SER A 67 -2.87 -0.11 -2.66
CA SER A 67 -3.46 -1.41 -2.94
C SER A 67 -4.14 -1.99 -1.70
N PHE A 68 -3.54 -1.79 -0.53
CA PHE A 68 -4.07 -2.30 0.73
C PHE A 68 -3.69 -1.34 1.84
N LEU A 69 -4.54 -1.26 2.87
CA LEU A 69 -4.32 -0.34 3.98
C LEU A 69 -4.39 -1.11 5.30
N ILE A 70 -3.44 -0.89 6.20
CA ILE A 70 -3.34 -1.70 7.41
C ILE A 70 -3.60 -0.81 8.62
N GLY A 71 -4.75 -1.01 9.25
CA GLY A 71 -5.08 -0.24 10.43
C GLY A 71 -4.37 -0.74 11.67
N GLY A 72 -4.37 0.10 12.70
CA GLY A 72 -3.78 -0.27 13.98
C GLY A 72 -4.46 -1.44 14.65
N ASN A 73 -5.69 -1.75 14.24
CA ASN A 73 -6.37 -2.95 14.72
C ASN A 73 -5.78 -4.23 14.15
N GLY A 74 -4.80 -4.12 13.25
CA GLY A 74 -4.18 -5.28 12.65
C GLY A 74 -4.92 -5.87 11.47
N LYS A 75 -5.89 -5.14 10.90
CA LYS A 75 -6.66 -5.64 9.77
C LYS A 75 -6.23 -4.93 8.49
N VAL A 76 -6.31 -5.67 7.39
CA VAL A 76 -5.98 -5.16 6.06
C VAL A 76 -7.27 -4.85 5.33
N TYR A 77 -7.37 -3.63 4.82
CA TYR A 77 -8.53 -3.14 4.11
C TYR A 77 -8.21 -3.07 2.64
N GLU A 78 -9.10 -3.62 1.81
CA GLU A 78 -8.88 -3.67 0.39
C GLU A 78 -8.90 -2.27 -0.21
N GLY A 79 -7.82 -1.91 -0.90
CA GLY A 79 -7.78 -0.67 -1.64
C GLY A 79 -7.97 -0.93 -3.12
N SER A 80 -6.97 -0.60 -3.93
CA SER A 80 -7.02 -0.98 -5.34
C SER A 80 -6.74 -2.46 -5.54
N GLY A 81 -6.40 -3.19 -4.49
CA GLY A 81 -6.36 -4.64 -4.55
C GLY A 81 -5.12 -5.18 -5.24
N TRP A 82 -5.19 -6.46 -5.60
CA TRP A 82 -4.08 -7.15 -6.23
C TRP A 82 -3.96 -6.86 -7.71
N LEU A 83 -4.99 -6.31 -8.34
CA LEU A 83 -5.06 -6.29 -9.80
C LEU A 83 -5.09 -4.91 -10.42
N HIS A 84 -5.57 -3.88 -9.72
CA HIS A 84 -5.94 -2.63 -10.35
C HIS A 84 -5.05 -1.47 -9.89
N VAL A 85 -5.26 -0.33 -10.54
CA VAL A 85 -4.41 0.85 -10.39
C VAL A 85 -5.25 2.00 -9.85
N GLY A 86 -4.73 2.68 -8.84
CA GLY A 86 -5.41 3.82 -8.28
C GLY A 86 -4.90 5.15 -8.80
N VAL A 87 -3.59 5.33 -8.77
CA VAL A 87 -2.96 6.62 -9.09
C VAL A 87 -2.66 6.63 -10.59
N PRO A 88 -3.25 7.54 -11.37
CA PRO A 88 -3.09 7.49 -12.82
C PRO A 88 -1.73 7.94 -13.34
N ASN A 89 -0.85 8.46 -12.50
CA ASN A 89 0.45 8.93 -12.97
C ASN A 89 1.57 8.03 -12.44
N TYR A 90 2.71 8.11 -13.11
CA TYR A 90 3.95 7.38 -12.80
C TYR A 90 3.87 5.92 -13.24
N ALA A 91 4.86 5.50 -14.02
CA ALA A 91 4.87 4.14 -14.56
C ALA A 91 4.99 3.09 -13.46
N TYR A 92 5.69 3.42 -12.36
CA TYR A 92 5.87 2.43 -11.30
C TYR A 92 4.56 2.08 -10.62
N ASN A 93 3.53 2.91 -10.74
CA ASN A 93 2.21 2.58 -10.21
C ASN A 93 1.50 1.50 -11.02
N ARG A 94 2.04 1.11 -12.17
CA ARG A 94 1.53 -0.03 -12.92
C ARG A 94 2.30 -1.31 -12.62
N LYS A 95 3.37 -1.23 -11.82
CA LYS A 95 4.23 -2.37 -11.59
C LYS A 95 4.51 -2.61 -10.11
N ALA A 96 3.69 -2.09 -9.21
CA ALA A 96 3.94 -2.23 -7.78
C ALA A 96 2.62 -2.42 -7.03
N ILE A 97 2.64 -3.29 -6.03
CA ILE A 97 1.60 -3.34 -5.01
C ILE A 97 1.97 -2.34 -3.93
N LYS A 98 1.03 -1.46 -3.59
CA LYS A 98 1.28 -0.37 -2.64
C LYS A 98 0.51 -0.64 -1.35
N ILE A 99 1.25 -0.85 -0.26
CA ILE A 99 0.68 -1.18 1.03
C ILE A 99 0.99 -0.04 1.99
N THR A 100 -0.06 0.61 2.50
CA THR A 100 0.11 1.72 3.43
C THR A 100 -0.37 1.31 4.82
N PHE A 101 0.30 1.85 5.83
CA PHE A 101 -0.11 1.70 7.22
C PHE A 101 -0.88 2.94 7.62
N ILE A 102 -2.09 2.75 8.14
CA ILE A 102 -2.88 3.89 8.59
C ILE A 102 -2.25 4.46 9.85
N GLY A 103 -1.86 5.72 9.77
CA GLY A 103 -1.21 6.39 10.87
C GLY A 103 -0.03 7.18 10.38
N SER A 104 0.84 7.54 11.33
CA SER A 104 2.06 8.29 11.04
C SER A 104 3.18 7.64 11.84
N TYR A 105 4.27 7.27 11.17
CA TYR A 105 5.26 6.39 11.77
C TYR A 105 6.66 6.98 11.67
N ASN A 106 6.76 8.29 11.92
CA ASN A 106 8.07 8.93 12.06
C ASN A 106 8.62 8.77 13.46
N SER A 107 7.75 8.76 14.47
CA SER A 107 8.18 8.67 15.87
C SER A 107 7.91 7.33 16.51
N LYS A 108 7.02 6.51 15.97
CA LYS A 108 6.73 5.21 16.56
C LYS A 108 6.54 4.17 15.47
N GLU A 109 6.80 2.91 15.82
CA GLU A 109 6.63 1.79 14.91
C GLU A 109 5.18 1.33 14.89
N PRO A 110 4.74 0.70 13.80
CA PRO A 110 3.47 -0.04 13.84
C PRO A 110 3.53 -1.12 14.91
N ASN A 111 2.36 -1.51 15.41
CA ASN A 111 2.33 -2.48 16.49
C ASN A 111 2.52 -3.89 15.93
N SER A 112 2.47 -4.89 16.84
CA SER A 112 2.78 -6.26 16.47
C SER A 112 1.77 -6.81 15.46
N GLN A 113 0.48 -6.50 15.65
CA GLN A 113 -0.53 -7.07 14.76
C GLN A 113 -0.50 -6.44 13.37
N GLN A 114 -0.05 -5.19 13.27
CA GLN A 114 0.10 -4.57 11.94
C GLN A 114 1.22 -5.25 11.15
N LEU A 115 2.39 -5.43 11.78
CA LEU A 115 3.51 -6.05 11.09
C LEU A 115 3.23 -7.50 10.74
N ASN A 116 2.67 -8.26 11.70
CA ASN A 116 2.19 -9.61 11.38
C ASN A 116 1.23 -9.57 10.21
N ALA A 117 0.33 -8.57 10.20
CA ALA A 117 -0.67 -8.49 9.15
C ALA A 117 -0.04 -8.31 7.77
N ILE A 118 0.97 -7.44 7.64
CA ILE A 118 1.57 -7.27 6.32
C ILE A 118 2.37 -8.50 5.94
N LYS A 119 3.02 -9.14 6.92
CA LYS A 119 3.75 -10.37 6.65
C LYS A 119 2.81 -11.41 6.03
N ALA A 120 1.66 -11.63 6.67
CA ALA A 120 0.68 -12.60 6.15
C ALA A 120 0.12 -12.15 4.80
N LEU A 121 -0.10 -10.85 4.61
CA LEU A 121 -0.65 -10.36 3.36
C LEU A 121 0.29 -10.62 2.19
N LEU A 122 1.57 -10.29 2.36
CA LEU A 122 2.55 -10.53 1.32
C LEU A 122 2.69 -12.02 1.03
N LYS A 123 2.76 -12.85 2.07
CA LYS A 123 2.85 -14.29 1.84
C LYS A 123 1.64 -14.81 1.06
N CYS A 124 0.45 -14.28 1.36
CA CYS A 124 -0.74 -14.69 0.63
C CYS A 124 -0.68 -14.23 -0.82
N GLY A 125 -0.13 -13.03 -1.07
CA GLY A 125 0.03 -12.58 -2.44
C GLY A 125 0.96 -13.47 -3.23
N VAL A 126 2.05 -13.94 -2.59
CA VAL A 126 2.95 -14.86 -3.26
C VAL A 126 2.26 -16.20 -3.51
N ASP A 127 1.53 -16.71 -2.51
CA ASP A 127 0.82 -17.97 -2.66
C ASP A 127 -0.12 -17.94 -3.86
N ASN A 128 -0.84 -16.83 -4.06
CA ASN A 128 -1.80 -16.70 -5.14
C ASN A 128 -1.15 -16.31 -6.47
N GLY A 129 0.16 -16.10 -6.50
CA GLY A 129 0.81 -15.67 -7.73
C GLY A 129 0.57 -14.23 -8.11
N HIS A 130 -0.21 -13.47 -7.31
CA HIS A 130 -0.31 -12.03 -7.53
C HIS A 130 1.06 -11.38 -7.47
N LEU A 131 1.94 -11.93 -6.64
CA LEU A 131 3.26 -11.39 -6.36
C LEU A 131 4.28 -12.47 -6.71
N SER A 132 5.25 -12.13 -7.55
CA SER A 132 6.29 -13.10 -7.86
C SER A 132 7.12 -13.38 -6.61
N SER A 133 7.64 -14.60 -6.50
CA SER A 133 8.33 -15.02 -5.29
C SER A 133 9.56 -14.17 -5.00
N ASP A 134 10.13 -13.51 -6.00
CA ASP A 134 11.29 -12.65 -5.82
C ASP A 134 10.92 -11.17 -5.91
N TYR A 135 9.76 -10.80 -5.36
CA TYR A 135 9.39 -9.40 -5.30
C TYR A 135 10.34 -8.63 -4.39
N LYS A 136 10.56 -7.36 -4.71
CA LYS A 136 11.38 -6.47 -3.91
C LYS A 136 10.48 -5.51 -3.14
N VAL A 137 11.02 -4.93 -2.07
CA VAL A 137 10.29 -4.00 -1.23
C VAL A 137 11.08 -2.69 -1.15
N VAL A 138 10.38 -1.56 -1.32
CA VAL A 138 10.95 -0.24 -1.08
C VAL A 138 9.95 0.59 -0.28
N GLY A 139 10.47 1.62 0.36
CA GLY A 139 9.61 2.67 0.89
C GLY A 139 9.35 3.71 -0.19
N HIS A 140 8.18 4.34 -0.10
CA HIS A 140 7.79 5.32 -1.12
C HIS A 140 8.83 6.43 -1.25
N ARG A 141 9.50 6.76 -0.14
CA ARG A 141 10.53 7.80 -0.17
C ARG A 141 11.67 7.47 -1.13
N GLN A 142 11.88 6.19 -1.45
CA GLN A 142 12.94 5.83 -2.38
C GLN A 142 12.58 6.17 -3.82
N LEU A 143 11.31 6.41 -4.11
CA LEU A 143 10.84 6.75 -5.45
C LEU A 143 10.23 8.14 -5.54
N LEU A 144 9.90 8.76 -4.41
CA LEU A 144 9.20 10.04 -4.40
C LEU A 144 9.72 10.87 -3.25
N ASP A 145 9.68 12.20 -3.42
CA ASP A 145 10.12 13.11 -2.37
C ASP A 145 9.04 13.16 -1.30
N THR A 146 9.19 12.28 -0.30
CA THR A 146 8.25 12.20 0.81
C THR A 146 8.95 11.52 1.97
N ASP A 147 8.42 11.73 3.18
CA ASP A 147 8.92 10.99 4.33
C ASP A 147 8.24 9.63 4.48
N SER A 148 7.11 9.42 3.80
CA SER A 148 6.43 8.14 3.74
C SER A 148 7.41 7.03 3.38
N PRO A 149 7.37 5.91 4.11
CA PRO A 149 6.39 5.48 5.12
C PRO A 149 6.66 5.91 6.56
N GLY A 150 7.56 6.88 6.77
CA GLY A 150 7.91 7.27 8.12
C GLY A 150 9.24 6.70 8.55
N ARG A 151 10.00 7.50 9.32
CA ARG A 151 11.37 7.12 9.67
C ARG A 151 11.45 5.74 10.31
N LYS A 152 10.60 5.49 11.31
CA LYS A 152 10.69 4.25 12.07
C LYS A 152 10.28 3.04 11.22
N LEU A 153 9.15 3.14 10.53
CA LEU A 153 8.71 2.06 9.66
C LEU A 153 9.73 1.81 8.56
N TYR A 154 10.29 2.87 7.98
CA TYR A 154 11.32 2.70 6.97
C TYR A 154 12.51 1.94 7.52
N ASN A 155 12.96 2.30 8.73
CA ASN A 155 14.05 1.55 9.35
C ASN A 155 13.65 0.09 9.56
N ILE A 156 12.37 -0.19 9.80
CA ILE A 156 11.94 -1.57 9.94
C ILE A 156 12.09 -2.30 8.60
N ILE A 157 11.55 -1.74 7.52
CA ILE A 157 11.49 -2.48 6.27
C ILE A 157 12.88 -2.61 5.65
N ARG A 158 13.80 -1.69 5.95
CA ARG A 158 15.16 -1.83 5.41
C ARG A 158 15.79 -3.15 5.81
N ARG A 159 15.36 -3.74 6.93
CA ARG A 159 15.95 -4.95 7.48
C ARG A 159 15.22 -6.21 7.05
N TRP A 160 14.17 -6.08 6.22
CA TRP A 160 13.51 -7.23 5.62
C TRP A 160 14.40 -7.81 4.51
N PRO A 161 14.41 -9.13 4.33
CA PRO A 161 15.21 -9.72 3.24
C PRO A 161 14.78 -9.27 1.86
N GLU A 162 13.55 -8.77 1.69
CA GLU A 162 13.04 -8.37 0.39
C GLU A 162 13.35 -6.91 0.04
N TRP A 163 13.91 -6.14 0.98
CA TRP A 163 14.20 -4.73 0.69
C TRP A 163 15.28 -4.63 -0.39
N THR A 164 15.33 -3.46 -1.01
CA THR A 164 16.39 -3.15 -1.96
C THR A 164 16.58 -1.64 -1.99
N ASN A 165 17.84 -1.21 -2.09
CA ASN A 165 18.15 0.20 -2.22
C ASN A 165 18.32 0.62 -3.68
N ASP A 166 18.22 -0.31 -4.62
CA ASP A 166 18.38 -0.03 -6.04
C ASP A 166 17.01 0.13 -6.68
N VAL A 167 16.72 1.33 -7.18
CA VAL A 167 15.50 1.62 -7.90
C VAL A 167 15.79 2.16 -9.30
N SER A 168 17.01 1.93 -9.81
CA SER A 168 17.43 2.53 -11.07
C SER A 168 16.53 2.08 -12.23
N GLU A 169 16.08 0.83 -12.20
CA GLU A 169 15.22 0.34 -13.28
C GLU A 169 13.91 1.11 -13.33
N TYR A 170 13.39 1.53 -12.18
CA TYR A 170 12.11 2.22 -12.13
C TYR A 170 12.25 3.70 -12.48
N LYS A 171 13.29 4.36 -11.97
CA LYS A 171 13.62 5.70 -12.44
C LYS A 171 13.79 5.72 -13.96
N ASP A 172 14.54 4.74 -14.48
CA ASP A 172 14.78 4.66 -15.90
C ASP A 172 13.49 4.43 -16.68
N LEU A 173 12.61 3.57 -16.15
CA LEU A 173 11.32 3.38 -16.80
C LEU A 173 10.51 4.67 -16.83
N GLU A 174 10.57 5.46 -15.75
CA GLU A 174 9.87 6.74 -15.74
C GLU A 174 10.44 7.68 -16.79
N HIS A 175 11.77 7.80 -16.84
CA HIS A 175 12.39 8.71 -17.79
C HIS A 175 12.04 8.36 -19.23
N HIS A 176 12.09 7.07 -19.57
CA HIS A 176 11.79 6.60 -20.92
C HIS A 176 10.33 6.86 -21.27
#